data_6CF3
#
_entry.id   6CF3
#
_cell.length_a   44.370
_cell.length_b   85.410
_cell.length_c   87.170
_cell.angle_alpha   90.000
_cell.angle_beta   90.000
_cell.angle_gamma   90.000
#
_symmetry.space_group_name_H-M   'P 2 21 21'
#
loop_
_entity.id
_entity.type
_entity.pdbx_description
1 polymer '2-oxoglutarate-dependent ethylene/succinate-forming enzyme'
2 non-polymer 'MANGANESE (II) ION'
3 non-polymer '2-OXOGLUTARIC ACID'
4 non-polymer 1,2-ETHANEDIOL
5 water water
#
_entity_poly.entity_id   1
_entity_poly.type   'polypeptide(L)'
_entity_poly.pdbx_seq_one_letter_code
;SHMTNLQTFELPTEVTGCAADISLGRALIQAWQKDGIFQIKTDSEQDRKTQEAMAASKQFCKEPLTFKSSCVSDLTYSGY
VASGEEVTAGKPDFPEIFTVCKDLSVGDQRVKAGWPCHGPVPWPNNTYQKSMKTFMEELGLAGERLLKLTALGFELPINT
FTDLTRDGWHHMRVLRFPPQTSTLSRGIGAHTDYGLLVIAAQDDVGGLYIRPPVEGEKRNRNWLPGESSAGMFEHDEPWT
FVTPTPGVWTVFPGDILQFMTGGQLLSTPHKVKLNTRERFACAYFHEPNFEASAYPLFEPSANERIHAGEHFTNMFMRCY
PDRITTQRINKENRLAHLEDLKKYSDTRATGS
;
_entity_poly.pdbx_strand_id   A
#
# COMPACT_ATOMS: atom_id res chain seq x y z
N LEU A 6 -9.22 17.01 -8.47
CA LEU A 6 -8.24 16.81 -7.41
C LEU A 6 -7.05 17.74 -7.64
N GLN A 7 -6.31 18.08 -6.58
CA GLN A 7 -5.11 18.87 -6.73
C GLN A 7 -4.01 17.95 -7.25
N THR A 8 -3.18 18.48 -8.13
CA THR A 8 -1.98 17.81 -8.59
C THR A 8 -0.78 18.70 -8.30
N PHE A 9 0.22 18.13 -7.64
CA PHE A 9 1.42 18.84 -7.26
C PHE A 9 2.66 18.19 -7.87
N GLU A 10 3.64 19.00 -8.22
CA GLU A 10 4.97 18.52 -8.54
C GLU A 10 5.83 18.64 -7.28
N LEU A 11 6.47 17.55 -6.89
CA LEU A 11 7.35 17.56 -5.73
C LEU A 11 8.77 17.90 -6.16
N PRO A 12 9.52 18.61 -5.33
CA PRO A 12 10.94 18.81 -5.61
C PRO A 12 11.70 17.49 -5.45
N THR A 13 12.81 17.38 -6.15
CA THR A 13 13.61 16.16 -6.04
C THR A 13 14.19 16.02 -4.64
N GLU A 14 14.73 17.11 -4.11
CA GLU A 14 15.23 17.14 -2.74
C GLU A 14 14.40 18.11 -1.93
N VAL A 15 14.01 17.70 -0.74
CA VAL A 15 13.32 18.56 0.21
C VAL A 15 14.35 19.03 1.22
N THR A 16 14.61 20.34 1.25
CA THR A 16 15.66 20.90 2.07
C THR A 16 15.16 21.74 3.23
N GLY A 17 13.88 22.15 3.23
CA GLY A 17 13.39 23.02 4.28
C GLY A 17 13.29 24.47 3.91
N CYS A 18 13.52 24.81 2.65
CA CYS A 18 13.35 26.19 2.19
C CYS A 18 11.88 26.60 2.23
N ALA A 19 11.65 27.90 2.04
CA ALA A 19 10.29 28.42 2.13
C ALA A 19 9.35 27.73 1.15
N ALA A 20 9.80 27.45 -0.07
CA ALA A 20 8.94 26.76 -1.04
C ALA A 20 8.54 25.38 -0.54
N ASP A 21 9.47 24.66 0.11
CA ASP A 21 9.15 23.34 0.63
C ASP A 21 8.10 23.44 1.73
N ILE A 22 8.26 24.41 2.63
CA ILE A 22 7.30 24.56 3.72
C ILE A 22 5.92 24.90 3.16
N SER A 23 5.88 25.80 2.18
CA SER A 23 4.62 26.14 1.52
C SER A 23 3.97 24.91 0.90
N LEU A 24 4.76 24.10 0.20
CA LEU A 24 4.20 22.91 -0.42
C LEU A 24 3.66 21.96 0.64
N GLY A 25 4.38 21.77 1.74
CA GLY A 25 3.87 20.94 2.81
C GLY A 25 2.54 21.43 3.35
N ARG A 26 2.40 22.75 3.52
CA ARG A 26 1.12 23.31 3.93
C ARG A 26 0.02 22.92 2.95
N ALA A 27 0.31 23.01 1.66
CA ALA A 27 -0.69 22.73 0.64
C ALA A 27 -1.06 21.26 0.61
N LEU A 28 -0.08 20.37 0.82
CA LEU A 28 -0.38 18.93 0.83
C LEU A 28 -1.32 18.60 1.97
N ILE A 29 -1.02 19.12 3.16
CA ILE A 29 -1.88 18.88 4.31
C ILE A 29 -3.29 19.41 4.04
N GLN A 30 -3.40 20.60 3.48
N GLN A 30 -3.39 20.63 3.52
CA GLN A 30 -4.71 21.19 3.23
CA GLN A 30 -4.69 21.20 3.21
C GLN A 30 -5.50 20.37 2.21
C GLN A 30 -5.47 20.31 2.25
N ALA A 31 -4.80 19.83 1.20
CA ALA A 31 -5.47 18.99 0.22
C ALA A 31 -5.94 17.68 0.85
N TRP A 32 -5.12 17.05 1.69
CA TRP A 32 -5.59 15.86 2.37
C TRP A 32 -6.77 16.17 3.30
N GLN A 33 -6.73 17.31 3.98
CA GLN A 33 -7.79 17.64 4.93
C GLN A 33 -9.11 17.98 4.23
N LYS A 34 -9.06 18.46 3.00
CA LYS A 34 -10.28 18.77 2.26
C LYS A 34 -10.75 17.59 1.42
N ASP A 35 -9.84 16.96 0.68
CA ASP A 35 -10.21 16.00 -0.33
C ASP A 35 -9.88 14.55 0.02
N GLY A 36 -8.99 14.32 0.99
CA GLY A 36 -8.55 12.99 1.34
C GLY A 36 -7.49 12.41 0.44
N ILE A 37 -7.05 13.13 -0.58
CA ILE A 37 -6.20 12.57 -1.62
C ILE A 37 -5.68 13.75 -2.43
N PHE A 38 -4.51 13.58 -3.03
CA PHE A 38 -4.08 14.44 -4.11
C PHE A 38 -3.25 13.60 -5.06
N GLN A 39 -2.93 14.20 -6.21
CA GLN A 39 -2.06 13.57 -7.19
C GLN A 39 -0.70 14.24 -7.14
N ILE A 40 0.34 13.46 -7.44
CA ILE A 40 1.67 14.00 -7.67
C ILE A 40 2.07 13.69 -9.10
N LYS A 41 2.63 14.70 -9.76
CA LYS A 41 3.09 14.55 -11.12
C LYS A 41 4.26 13.59 -11.17
N THR A 42 4.24 12.66 -12.09
CA THR A 42 5.40 11.80 -12.29
C THR A 42 6.34 12.43 -13.31
N ASP A 43 7.63 12.34 -13.03
CA ASP A 43 8.64 12.73 -14.00
C ASP A 43 8.80 11.62 -15.03
N SER A 44 9.64 11.85 -16.04
CA SER A 44 9.67 10.91 -17.16
C SER A 44 10.20 9.54 -16.74
N GLU A 45 11.08 9.48 -15.74
CA GLU A 45 11.58 8.20 -15.25
C GLU A 45 10.57 7.52 -14.34
N GLN A 46 9.94 8.28 -13.45
CA GLN A 46 8.87 7.70 -12.64
C GLN A 46 7.76 7.13 -13.52
N ASP A 47 7.40 7.86 -14.56
CA ASP A 47 6.38 7.39 -15.48
C ASP A 47 6.84 6.15 -16.23
N ARG A 48 8.05 6.18 -16.79
CA ARG A 48 8.56 5.03 -17.53
C ARG A 48 8.54 3.78 -16.65
N LYS A 49 9.04 3.93 -15.41
CA LYS A 49 9.13 2.78 -14.53
C LYS A 49 7.75 2.28 -14.12
N THR A 50 6.77 3.19 -13.97
CA THR A 50 5.41 2.75 -13.71
C THR A 50 4.89 1.91 -14.88
N GLN A 51 5.10 2.40 -16.10
CA GLN A 51 4.60 1.69 -17.27
C GLN A 51 5.26 0.33 -17.40
N GLU A 52 6.56 0.24 -17.13
CA GLU A 52 7.26 -1.05 -17.26
C GLU A 52 6.78 -2.02 -16.18
N ALA A 53 6.50 -1.53 -14.98
CA ALA A 53 5.96 -2.39 -13.94
C ALA A 53 4.56 -2.88 -14.31
N MET A 54 3.73 -2.00 -14.86
N MET A 54 3.70 -1.98 -14.82
CA MET A 54 2.39 -2.42 -15.26
CA MET A 54 2.40 -2.39 -15.29
C MET A 54 2.46 -3.41 -16.41
C MET A 54 2.53 -3.47 -16.35
N ALA A 55 3.41 -3.25 -17.33
CA ALA A 55 3.57 -4.23 -18.40
C ALA A 55 4.00 -5.58 -17.86
N ALA A 56 4.92 -5.60 -16.89
CA ALA A 56 5.35 -6.85 -16.29
C ALA A 56 4.18 -7.52 -15.57
N SER A 57 3.34 -6.73 -14.90
CA SER A 57 2.17 -7.27 -14.24
C SER A 57 1.22 -7.94 -15.25
N LYS A 58 0.97 -7.25 -16.36
CA LYS A 58 0.08 -7.81 -17.37
C LYS A 58 0.65 -9.09 -17.95
N GLN A 59 1.96 -9.13 -18.19
CA GLN A 59 2.56 -10.36 -18.71
C GLN A 59 2.45 -11.50 -17.71
N PHE A 60 2.68 -11.21 -16.44
CA PHE A 60 2.59 -12.25 -15.41
C PHE A 60 1.18 -12.82 -15.34
N CYS A 61 0.16 -11.97 -15.40
CA CYS A 61 -1.20 -12.46 -15.27
C CYS A 61 -1.59 -13.36 -16.44
N LYS A 62 -0.90 -13.24 -17.58
CA LYS A 62 -1.14 -14.11 -18.72
C LYS A 62 -0.52 -15.50 -18.56
N GLU A 63 0.28 -15.73 -17.53
CA GLU A 63 0.84 -17.06 -17.31
C GLU A 63 -0.24 -18.01 -16.81
N PRO A 64 -0.07 -19.31 -17.03
N PRO A 64 -0.08 -19.32 -17.03
CA PRO A 64 -1.07 -20.26 -16.51
CA PRO A 64 -1.04 -20.27 -16.49
C PRO A 64 -1.11 -20.25 -14.99
C PRO A 64 -1.12 -20.20 -14.99
N LEU A 65 -2.28 -20.60 -14.45
CA LEU A 65 -2.51 -20.55 -13.02
C LEU A 65 -1.55 -21.43 -12.22
N THR A 66 -1.20 -22.60 -12.76
N THR A 66 -1.15 -22.58 -12.77
CA THR A 66 -0.22 -23.45 -12.07
CA THR A 66 -0.23 -23.44 -12.02
C THR A 66 1.07 -22.68 -11.81
C THR A 66 1.13 -22.77 -11.85
N PHE A 67 1.54 -21.94 -12.81
CA PHE A 67 2.77 -21.18 -12.64
C PHE A 67 2.56 -20.05 -11.63
N LYS A 68 1.52 -19.26 -11.80
CA LYS A 68 1.31 -18.15 -10.88
C LYS A 68 1.23 -18.64 -9.45
N SER A 69 0.53 -19.76 -9.22
CA SER A 69 0.36 -20.30 -7.88
C SER A 69 1.64 -20.84 -7.29
N SER A 70 2.68 -21.08 -8.10
CA SER A 70 3.97 -21.51 -7.57
C SER A 70 4.77 -20.35 -6.99
N CYS A 71 4.35 -19.11 -7.22
CA CYS A 71 5.06 -17.93 -6.73
C CYS A 71 4.59 -17.61 -5.32
N VAL A 72 4.98 -18.49 -4.40
N VAL A 72 5.02 -18.46 -4.39
CA VAL A 72 4.60 -18.40 -3.00
CA VAL A 72 4.55 -18.42 -3.01
C VAL A 72 5.81 -18.75 -2.16
C VAL A 72 5.70 -18.87 -2.11
N SER A 73 5.80 -18.26 -0.94
CA SER A 73 6.87 -18.53 0.01
C SER A 73 6.29 -18.85 1.38
N ASP A 74 6.94 -19.76 2.10
CA ASP A 74 6.52 -20.01 3.48
C ASP A 74 7.25 -19.13 4.49
N LEU A 75 8.04 -18.16 4.04
CA LEU A 75 8.73 -17.22 4.94
C LEU A 75 8.20 -15.81 4.86
N THR A 76 7.77 -15.38 3.68
CA THR A 76 7.25 -14.05 3.46
C THR A 76 5.90 -14.18 2.79
N TYR A 77 5.04 -13.17 3.00
CA TYR A 77 3.76 -13.06 2.32
C TYR A 77 3.89 -12.56 0.89
N SER A 78 5.09 -12.19 0.46
CA SER A 78 5.28 -11.82 -0.92
C SER A 78 4.84 -12.95 -1.84
N GLY A 79 4.32 -12.57 -2.99
CA GLY A 79 3.92 -13.53 -3.98
C GLY A 79 2.47 -13.44 -4.35
N TYR A 80 1.98 -14.50 -4.97
CA TYR A 80 0.71 -14.49 -5.67
C TYR A 80 -0.43 -14.97 -4.79
N VAL A 81 -1.60 -14.36 -4.97
CA VAL A 81 -2.85 -14.91 -4.46
C VAL A 81 -3.94 -14.66 -5.48
N ALA A 82 -4.72 -15.71 -5.72
CA ALA A 82 -5.97 -15.64 -6.47
C ALA A 82 -7.08 -15.38 -5.46
N SER A 83 -7.73 -14.23 -5.56
CA SER A 83 -8.63 -13.77 -4.52
C SER A 83 -10.01 -14.36 -4.69
N GLY A 84 -10.62 -14.75 -3.58
CA GLY A 84 -11.94 -15.35 -3.55
C GLY A 84 -11.88 -16.82 -3.22
N GLU A 85 -13.07 -17.39 -3.05
CA GLU A 85 -13.18 -18.79 -2.66
C GLU A 85 -14.24 -19.54 -3.46
N GLU A 86 -14.89 -18.92 -4.44
CA GLU A 86 -15.94 -19.55 -5.19
C GLU A 86 -15.92 -19.06 -6.64
N VAL A 87 -16.20 -19.98 -7.57
CA VAL A 87 -16.39 -19.66 -8.97
C VAL A 87 -17.63 -20.42 -9.45
N THR A 88 -18.08 -20.08 -10.65
CA THR A 88 -19.16 -20.83 -11.28
C THR A 88 -18.85 -20.91 -12.77
N ALA A 89 -19.51 -21.83 -13.46
CA ALA A 89 -19.37 -21.91 -14.91
C ALA A 89 -19.75 -20.56 -15.52
N GLY A 90 -18.93 -20.09 -16.47
CA GLY A 90 -19.18 -18.81 -17.08
C GLY A 90 -18.81 -17.60 -16.26
N LYS A 91 -18.51 -17.76 -14.96
CA LYS A 91 -17.89 -16.70 -14.15
C LYS A 91 -16.66 -17.30 -13.49
N PRO A 92 -15.62 -17.57 -14.28
CA PRO A 92 -14.44 -18.28 -13.77
C PRO A 92 -13.33 -17.36 -13.31
N ASP A 93 -13.45 -16.05 -13.50
CA ASP A 93 -12.36 -15.11 -13.27
C ASP A 93 -12.43 -14.57 -11.84
N PHE A 94 -11.36 -13.89 -11.44
CA PHE A 94 -11.20 -13.48 -10.05
C PHE A 94 -10.07 -12.44 -9.98
N PRO A 95 -10.08 -11.58 -8.96
CA PRO A 95 -8.96 -10.67 -8.77
C PRO A 95 -7.71 -11.45 -8.42
N GLU A 96 -6.58 -10.86 -8.79
CA GLU A 96 -5.28 -11.46 -8.59
C GLU A 96 -4.35 -10.42 -8.01
N ILE A 97 -3.54 -10.82 -7.04
CA ILE A 97 -2.61 -9.92 -6.37
C ILE A 97 -1.24 -10.55 -6.33
N PHE A 98 -0.21 -9.78 -6.63
CA PHE A 98 1.16 -10.14 -6.32
C PHE A 98 1.67 -9.13 -5.32
N THR A 99 2.01 -9.59 -4.12
CA THR A 99 2.48 -8.71 -3.07
C THR A 99 4.00 -8.70 -3.06
N VAL A 100 4.58 -7.52 -2.98
CA VAL A 100 6.02 -7.36 -2.92
C VAL A 100 6.37 -6.76 -1.56
N CYS A 101 6.93 -7.56 -0.67
CA CYS A 101 7.51 -7.10 0.58
C CYS A 101 9.03 -7.07 0.43
N LYS A 102 9.69 -6.55 1.46
CA LYS A 102 11.15 -6.44 1.46
C LYS A 102 11.78 -7.76 1.06
N ASP A 103 12.68 -7.70 0.08
CA ASP A 103 13.20 -8.91 -0.56
C ASP A 103 14.48 -9.31 0.17
N LEU A 104 14.37 -10.26 1.09
CA LEU A 104 15.50 -10.68 1.92
C LEU A 104 15.81 -12.15 1.67
N SER A 105 17.07 -12.44 1.33
CA SER A 105 17.46 -13.82 1.11
C SER A 105 17.63 -14.54 2.43
N VAL A 106 17.81 -15.87 2.34
CA VAL A 106 18.12 -16.67 3.52
C VAL A 106 19.52 -16.43 4.06
N GLY A 107 20.31 -15.57 3.39
CA GLY A 107 21.53 -15.06 3.98
C GLY A 107 21.34 -13.91 4.95
N ASP A 108 20.17 -13.31 4.96
CA ASP A 108 19.91 -12.19 5.85
C ASP A 108 19.71 -12.68 7.28
N GLN A 109 20.30 -11.97 8.24
CA GLN A 109 20.24 -12.42 9.63
C GLN A 109 18.82 -12.49 10.17
N ARG A 110 17.92 -11.59 9.73
CA ARG A 110 16.55 -11.63 10.21
C ARG A 110 15.83 -12.89 9.72
N VAL A 111 16.13 -13.31 8.49
CA VAL A 111 15.54 -14.53 7.95
C VAL A 111 16.12 -15.74 8.66
N LYS A 112 17.42 -15.75 8.91
CA LYS A 112 18.03 -16.85 9.66
C LYS A 112 17.42 -16.97 11.05
N ALA A 113 17.11 -15.84 11.67
CA ALA A 113 16.51 -15.82 13.00
C ALA A 113 15.02 -16.12 12.99
N GLY A 114 14.42 -16.30 11.82
CA GLY A 114 13.04 -16.70 11.73
C GLY A 114 12.04 -15.61 12.02
N TRP A 115 12.39 -14.35 11.81
CA TRP A 115 11.45 -13.28 12.06
C TRP A 115 10.23 -13.45 11.16
N PRO A 116 9.03 -13.27 11.69
CA PRO A 116 7.85 -13.45 10.84
C PRO A 116 7.86 -12.46 9.69
N CYS A 117 7.42 -12.94 8.55
CA CYS A 117 7.21 -12.16 7.33
C CYS A 117 8.50 -11.86 6.59
N HIS A 118 9.67 -12.28 7.09
CA HIS A 118 10.94 -11.94 6.48
C HIS A 118 11.42 -13.10 5.60
N GLY A 119 11.65 -12.81 4.32
CA GLY A 119 12.09 -13.80 3.39
C GLY A 119 12.09 -13.28 1.97
N PRO A 120 12.47 -14.14 1.02
CA PRO A 120 12.68 -13.65 -0.35
C PRO A 120 11.42 -13.66 -1.18
N VAL A 121 11.27 -12.62 -1.99
CA VAL A 121 10.10 -12.53 -2.89
C VAL A 121 10.17 -13.66 -3.90
N PRO A 122 9.08 -14.43 -4.11
CA PRO A 122 9.10 -15.49 -5.14
C PRO A 122 8.81 -14.91 -6.51
N TRP A 123 9.79 -14.17 -7.03
CA TRP A 123 9.60 -13.45 -8.28
C TRP A 123 9.28 -14.41 -9.42
N PRO A 124 8.38 -14.03 -10.32
CA PRO A 124 8.09 -14.93 -11.44
C PRO A 124 9.27 -15.03 -12.40
N ASN A 125 9.99 -13.95 -12.59
CA ASN A 125 11.18 -13.92 -13.43
C ASN A 125 11.96 -12.65 -13.08
N ASN A 126 13.17 -12.58 -13.60
N ASN A 126 13.13 -12.52 -13.71
CA ASN A 126 14.07 -11.53 -13.17
CA ASN A 126 14.04 -11.41 -13.43
C ASN A 126 13.78 -10.19 -13.84
C ASN A 126 13.53 -10.09 -13.98
N THR A 127 13.00 -10.17 -14.93
N THR A 127 12.91 -10.11 -15.17
CA THR A 127 12.56 -8.89 -15.48
CA THR A 127 12.35 -8.88 -15.70
C THR A 127 11.43 -8.29 -14.66
C THR A 127 11.37 -8.28 -14.72
N TYR A 128 10.49 -9.12 -14.16
CA TYR A 128 9.51 -8.65 -13.20
C TYR A 128 10.20 -8.13 -11.95
N GLN A 129 11.18 -8.88 -11.45
CA GLN A 129 11.95 -8.44 -10.30
C GLN A 129 12.54 -7.05 -10.53
N LYS A 130 13.25 -6.88 -11.65
CA LYS A 130 13.95 -5.62 -11.86
C LYS A 130 12.95 -4.47 -11.99
N SER A 131 11.86 -4.71 -12.72
N SER A 131 11.86 -4.70 -12.72
CA SER A 131 10.86 -3.69 -12.94
CA SER A 131 10.91 -3.62 -12.92
C SER A 131 10.22 -3.25 -11.63
C SER A 131 10.22 -3.24 -11.61
N MET A 132 9.89 -4.22 -10.77
CA MET A 132 9.24 -3.87 -9.52
C MET A 132 10.20 -3.21 -8.57
N LYS A 133 11.44 -3.67 -8.51
CA LYS A 133 12.41 -3.08 -7.58
C LYS A 133 12.70 -1.63 -7.94
N THR A 134 12.89 -1.33 -9.21
N THR A 134 12.92 -1.35 -9.22
CA THR A 134 13.22 0.06 -9.54
CA THR A 134 13.19 0.01 -9.63
C THR A 134 12.00 0.97 -9.40
C THR A 134 12.00 0.92 -9.33
N PHE A 135 10.80 0.46 -9.68
CA PHE A 135 9.57 1.20 -9.40
C PHE A 135 9.45 1.49 -7.91
N MET A 136 9.66 0.48 -7.06
CA MET A 136 9.56 0.68 -5.61
C MET A 136 10.64 1.60 -5.07
N GLU A 137 11.82 1.62 -5.68
CA GLU A 137 12.83 2.59 -5.28
C GLU A 137 12.32 4.01 -5.50
N GLU A 138 11.70 4.26 -6.66
CA GLU A 138 11.16 5.59 -6.94
C GLU A 138 9.99 5.91 -6.00
N LEU A 139 9.12 4.93 -5.75
CA LEU A 139 8.00 5.16 -4.85
C LEU A 139 8.50 5.49 -3.45
N GLY A 140 9.56 4.81 -3.00
CA GLY A 140 10.13 5.10 -1.70
C GLY A 140 10.70 6.50 -1.60
N LEU A 141 11.40 6.94 -2.64
CA LEU A 141 11.92 8.31 -2.65
C LEU A 141 10.78 9.31 -2.59
N ALA A 142 9.70 9.06 -3.33
CA ALA A 142 8.54 9.94 -3.25
C ALA A 142 7.94 9.94 -1.84
N GLY A 143 7.85 8.76 -1.22
CA GLY A 143 7.36 8.69 0.14
C GLY A 143 8.18 9.52 1.10
N GLU A 144 9.50 9.48 0.94
CA GLU A 144 10.36 10.25 1.81
C GLU A 144 10.17 11.75 1.59
N ARG A 145 10.06 12.19 0.32
CA ARG A 145 9.78 13.59 0.06
C ARG A 145 8.49 13.99 0.72
N LEU A 146 7.45 13.16 0.56
CA LEU A 146 6.13 13.49 1.10
C LEU A 146 6.16 13.60 2.61
N LEU A 147 6.88 12.71 3.29
CA LEU A 147 6.95 12.77 4.75
C LEU A 147 7.72 14.00 5.22
N LYS A 148 8.82 14.36 4.55
CA LYS A 148 9.53 15.58 4.93
C LYS A 148 8.63 16.80 4.73
N LEU A 149 7.91 16.87 3.62
CA LEU A 149 7.01 17.98 3.37
C LEU A 149 5.89 18.03 4.40
N THR A 150 5.35 16.87 4.78
CA THR A 150 4.30 16.81 5.79
C THR A 150 4.83 17.33 7.12
N ALA A 151 6.04 16.88 7.51
CA ALA A 151 6.64 17.41 8.73
C ALA A 151 6.75 18.93 8.67
N LEU A 152 7.28 19.46 7.57
CA LEU A 152 7.44 20.91 7.45
C LEU A 152 6.09 21.61 7.54
N GLY A 153 5.06 21.04 6.91
CA GLY A 153 3.76 21.68 6.95
C GLY A 153 3.13 21.73 8.33
N PHE A 154 3.51 20.79 9.21
CA PHE A 154 3.07 20.78 10.59
C PHE A 154 4.03 21.48 11.52
N GLU A 155 5.04 22.18 10.99
CA GLU A 155 6.04 22.89 11.80
C GLU A 155 6.84 21.95 12.68
N LEU A 156 7.08 20.73 12.19
CA LEU A 156 7.94 19.75 12.84
C LEU A 156 9.30 19.72 12.17
N PRO A 157 10.30 19.16 12.84
CA PRO A 157 11.62 19.03 12.22
C PRO A 157 11.54 18.27 10.91
N ILE A 158 12.34 18.71 9.92
CA ILE A 158 12.27 18.13 8.58
C ILE A 158 12.46 16.62 8.59
N ASN A 159 13.36 16.11 9.43
CA ASN A 159 13.67 14.69 9.49
C ASN A 159 12.90 13.95 10.57
N THR A 160 11.73 14.46 10.94
CA THR A 160 10.87 13.83 11.93
C THR A 160 10.67 12.35 11.68
N PHE A 161 10.43 11.96 10.43
CA PHE A 161 10.06 10.58 10.13
C PHE A 161 11.24 9.70 9.75
N THR A 162 12.46 10.24 9.74
CA THR A 162 13.59 9.55 9.10
C THR A 162 14.02 8.31 9.86
N ASP A 163 14.18 8.40 11.19
CA ASP A 163 14.54 7.20 11.93
C ASP A 163 13.43 6.16 11.83
N LEU A 164 12.18 6.61 11.93
CA LEU A 164 11.03 5.72 11.90
C LEU A 164 11.01 4.87 10.64
N THR A 165 11.36 5.45 9.49
CA THR A 165 11.25 4.78 8.20
C THR A 165 12.59 4.29 7.66
N ARG A 166 13.65 4.33 8.46
CA ARG A 166 14.91 3.76 8.02
C ARG A 166 14.74 2.26 7.81
N ASP A 167 15.17 1.78 6.65
CA ASP A 167 14.93 0.39 6.26
C ASP A 167 13.47 0.02 6.47
N GLY A 168 12.59 0.95 6.11
CA GLY A 168 11.16 0.79 6.36
C GLY A 168 10.60 -0.45 5.68
N TRP A 169 9.53 -0.98 6.26
N TRP A 169 9.52 -0.98 6.26
CA TRP A 169 8.94 -2.22 5.76
CA TRP A 169 8.88 -2.20 5.80
C TRP A 169 7.95 -1.93 4.64
C TRP A 169 7.93 -1.89 4.64
N HIS A 170 8.42 -1.15 3.65
CA HIS A 170 7.57 -0.75 2.55
C HIS A 170 7.17 -1.97 1.74
N HIS A 171 5.96 -1.96 1.22
CA HIS A 171 5.48 -3.09 0.43
C HIS A 171 4.44 -2.61 -0.56
N MET A 172 4.11 -3.47 -1.51
CA MET A 172 3.24 -3.04 -2.59
C MET A 172 2.36 -4.20 -3.02
N ARG A 173 1.10 -3.90 -3.32
CA ARG A 173 0.21 -4.84 -3.99
C ARG A 173 0.13 -4.49 -5.47
N VAL A 174 0.40 -5.48 -6.30
CA VAL A 174 0.30 -5.38 -7.76
C VAL A 174 -0.98 -6.12 -8.11
N LEU A 175 -1.97 -5.39 -8.64
CA LEU A 175 -3.34 -5.90 -8.70
C LEU A 175 -3.85 -6.03 -10.12
N ARG A 176 -4.64 -7.07 -10.34
CA ARG A 176 -5.47 -7.20 -11.53
C ARG A 176 -6.91 -7.47 -11.07
N PHE A 177 -7.84 -6.67 -11.58
CA PHE A 177 -9.25 -6.86 -11.34
C PHE A 177 -9.92 -7.35 -12.61
N PRO A 178 -10.75 -8.38 -12.53
CA PRO A 178 -11.41 -8.89 -13.72
C PRO A 178 -12.56 -8.00 -14.15
N PRO A 179 -13.06 -8.19 -15.37
CA PRO A 179 -14.32 -7.52 -15.73
C PRO A 179 -15.46 -8.07 -14.87
N GLN A 180 -16.43 -7.20 -14.58
CA GLN A 180 -17.50 -7.59 -13.65
C GLN A 180 -18.26 -8.81 -14.15
N THR A 181 -18.49 -8.89 -15.46
CA THR A 181 -19.32 -9.98 -16.00
C THR A 181 -18.65 -11.34 -15.93
N SER A 182 -17.36 -11.40 -15.61
CA SER A 182 -16.60 -12.64 -15.65
C SER A 182 -16.38 -13.26 -14.27
N THR A 183 -16.90 -12.65 -13.21
CA THR A 183 -16.47 -13.04 -11.88
C THR A 183 -17.63 -12.92 -10.89
N LEU A 184 -17.57 -13.75 -9.85
CA LEU A 184 -18.43 -13.60 -8.69
C LEU A 184 -17.94 -12.52 -7.73
N SER A 185 -16.70 -12.05 -7.88
CA SER A 185 -16.21 -10.97 -7.05
C SER A 185 -17.00 -9.70 -7.33
N ARG A 186 -17.07 -8.84 -6.31
CA ARG A 186 -17.65 -7.51 -6.46
C ARG A 186 -16.59 -6.41 -6.37
N GLY A 187 -15.30 -6.77 -6.38
CA GLY A 187 -14.25 -5.79 -6.19
C GLY A 187 -13.66 -5.82 -4.79
N ILE A 188 -13.26 -4.66 -4.27
CA ILE A 188 -12.77 -4.54 -2.91
C ILE A 188 -13.69 -3.57 -2.17
N GLY A 189 -14.22 -4.01 -1.04
CA GLY A 189 -15.08 -3.18 -0.24
C GLY A 189 -14.32 -2.05 0.45
N ALA A 190 -15.09 -1.15 1.06
CA ALA A 190 -14.53 -0.02 1.78
C ALA A 190 -13.56 -0.50 2.84
N HIS A 191 -12.40 0.15 2.89
CA HIS A 191 -11.39 -0.18 3.89
C HIS A 191 -10.40 0.96 3.96
N THR A 192 -9.53 0.90 4.97
CA THR A 192 -8.37 1.79 5.02
C THR A 192 -7.11 0.93 5.06
N ASP A 193 -5.98 1.53 4.69
CA ASP A 193 -4.71 0.84 4.63
C ASP A 193 -3.83 1.22 5.81
N TYR A 194 -3.13 0.23 6.34
CA TYR A 194 -2.24 0.41 7.50
C TYR A 194 -0.84 0.76 7.00
N GLY A 195 -0.55 2.05 7.00
CA GLY A 195 0.73 2.56 6.56
C GLY A 195 0.81 4.04 6.90
N LEU A 196 1.99 4.62 6.66
CA LEU A 196 2.09 6.07 6.76
C LEU A 196 1.38 6.73 5.59
N LEU A 197 1.70 6.28 4.38
CA LEU A 197 1.16 6.83 3.15
C LEU A 197 0.90 5.71 2.17
N VAL A 198 -0.06 5.93 1.29
CA VAL A 198 -0.33 5.04 0.18
C VAL A 198 -0.12 5.82 -1.09
N ILE A 199 0.73 5.31 -1.98
CA ILE A 199 0.98 5.91 -3.28
C ILE A 199 0.49 4.89 -4.30
N ALA A 200 -0.37 5.30 -5.22
CA ALA A 200 -0.99 4.34 -6.10
C ALA A 200 -0.95 4.80 -7.54
N ALA A 201 -0.89 3.81 -8.42
CA ALA A 201 -0.93 4.01 -9.86
C ALA A 201 -2.02 3.12 -10.43
N GLN A 202 -2.58 3.53 -11.57
CA GLN A 202 -3.61 2.74 -12.22
C GLN A 202 -3.55 2.94 -13.72
N ASP A 203 -4.15 2.00 -14.45
CA ASP A 203 -4.31 2.12 -15.89
C ASP A 203 -5.51 3.03 -16.19
N ASP A 204 -5.96 3.03 -17.45
CA ASP A 204 -7.00 3.95 -17.90
C ASP A 204 -8.43 3.45 -17.70
N VAL A 205 -8.62 2.29 -17.09
CA VAL A 205 -9.96 1.66 -17.06
C VAL A 205 -10.89 2.32 -16.05
N GLY A 206 -10.41 2.54 -14.83
CA GLY A 206 -11.22 3.16 -13.81
C GLY A 206 -11.90 2.19 -12.84
N GLY A 207 -11.89 2.53 -11.55
CA GLY A 207 -12.56 1.70 -10.56
C GLY A 207 -12.33 2.10 -9.11
N LEU A 208 -11.36 2.97 -8.82
CA LEU A 208 -11.04 3.35 -7.45
C LEU A 208 -11.90 4.53 -7.00
N TYR A 209 -12.48 4.39 -5.82
CA TYR A 209 -13.24 5.46 -5.17
C TYR A 209 -12.66 5.69 -3.80
N ILE A 210 -12.64 6.96 -3.37
CA ILE A 210 -12.13 7.32 -2.05
C ILE A 210 -13.16 8.16 -1.32
N ARG A 211 -13.10 8.13 0.00
CA ARG A 211 -14.01 8.92 0.82
C ARG A 211 -13.25 10.08 1.42
N PRO A 212 -13.64 11.32 1.11
CA PRO A 212 -12.97 12.48 1.69
C PRO A 212 -13.31 12.60 3.16
N PRO A 213 -12.59 13.44 3.90
CA PRO A 213 -13.02 13.77 5.26
C PRO A 213 -14.44 14.32 5.21
N VAL A 214 -15.26 13.86 6.13
CA VAL A 214 -16.63 14.32 6.24
C VAL A 214 -16.74 14.99 7.60
N GLU A 215 -17.04 16.28 7.59
CA GLU A 215 -17.04 17.04 8.83
C GLU A 215 -18.06 16.43 9.79
N GLY A 216 -17.62 16.16 11.03
CA GLY A 216 -18.48 15.58 12.03
C GLY A 216 -18.62 14.06 11.99
N GLU A 217 -18.03 13.39 11.01
CA GLU A 217 -18.20 11.95 10.85
C GLU A 217 -17.14 11.21 11.68
N LYS A 218 -17.58 10.44 12.66
CA LYS A 218 -16.64 9.66 13.47
C LYS A 218 -16.07 8.54 12.62
N ARG A 219 -14.75 8.32 12.74
CA ARG A 219 -14.02 7.31 12.00
C ARG A 219 -13.45 6.30 12.99
N ASN A 220 -13.57 4.99 12.68
CA ASN A 220 -12.84 3.98 13.43
C ASN A 220 -11.34 4.18 13.23
N ARG A 221 -10.59 3.84 14.24
CA ARG A 221 -9.14 3.96 14.26
C ARG A 221 -8.57 2.58 13.95
N ASN A 222 -8.24 2.34 12.68
CA ASN A 222 -8.00 0.97 12.20
C ASN A 222 -6.71 0.37 12.73
N TRP A 223 -5.85 1.16 13.39
CA TRP A 223 -4.70 0.57 14.07
C TRP A 223 -5.10 -0.17 15.33
N LEU A 224 -6.31 0.01 15.81
CA LEU A 224 -6.79 -0.74 16.96
C LEU A 224 -7.50 -2.00 16.48
N PRO A 225 -7.17 -3.19 17.01
CA PRO A 225 -7.85 -4.41 16.53
C PRO A 225 -9.36 -4.33 16.62
N GLY A 226 -9.90 -3.66 17.64
CA GLY A 226 -11.33 -3.54 17.81
C GLY A 226 -12.01 -2.41 17.08
N GLU A 227 -11.27 -1.64 16.30
CA GLU A 227 -11.89 -0.59 15.49
C GLU A 227 -11.58 -0.79 14.01
N SER A 228 -11.86 -1.99 13.50
CA SER A 228 -11.67 -2.21 12.08
C SER A 228 -12.48 -1.21 11.28
N SER A 229 -11.87 -0.64 10.26
CA SER A 229 -12.57 0.24 9.33
C SER A 229 -13.20 -0.53 8.17
N ALA A 230 -13.09 -1.86 8.14
CA ALA A 230 -13.56 -2.61 6.99
C ALA A 230 -15.06 -2.49 6.84
N GLY A 231 -15.49 -2.18 5.62
CA GLY A 231 -16.90 -2.05 5.29
C GLY A 231 -17.55 -0.75 5.66
N MET A 232 -16.92 0.07 6.49
N MET A 232 -16.91 0.07 6.47
CA MET A 232 -17.62 1.23 7.02
CA MET A 232 -17.58 1.25 7.02
C MET A 232 -17.83 2.27 5.94
C MET A 232 -17.83 2.28 5.93
N PHE A 233 -19.05 2.79 5.89
CA PHE A 233 -19.51 3.84 4.99
C PHE A 233 -19.69 3.40 3.55
N GLU A 234 -19.60 2.10 3.28
CA GLU A 234 -19.54 1.64 1.90
C GLU A 234 -20.72 2.13 1.08
N HIS A 235 -21.91 2.18 1.68
CA HIS A 235 -23.14 2.55 0.96
C HIS A 235 -23.58 3.99 1.21
N ASP A 236 -22.81 4.77 1.95
CA ASP A 236 -23.17 6.13 2.32
C ASP A 236 -22.38 7.12 1.46
N GLU A 237 -23.04 8.17 1.00
CA GLU A 237 -22.31 9.23 0.35
C GLU A 237 -21.41 9.91 1.39
N PRO A 238 -20.32 10.56 0.97
CA PRO A 238 -19.84 10.71 -0.40
C PRO A 238 -18.68 9.79 -0.71
N TRP A 239 -18.59 9.40 -1.98
CA TRP A 239 -17.43 8.71 -2.52
C TRP A 239 -16.97 9.45 -3.78
N THR A 240 -15.68 9.78 -3.83
CA THR A 240 -15.07 10.47 -4.96
C THR A 240 -14.46 9.42 -5.91
N PHE A 241 -14.86 9.47 -7.18
CA PHE A 241 -14.21 8.62 -8.18
C PHE A 241 -12.84 9.19 -8.52
N VAL A 242 -11.83 8.32 -8.51
CA VAL A 242 -10.46 8.74 -8.84
C VAL A 242 -10.27 8.51 -10.34
N THR A 243 -10.60 9.54 -11.12
CA THR A 243 -10.56 9.43 -12.57
C THR A 243 -9.15 9.11 -13.03
N PRO A 244 -8.95 8.07 -13.85
CA PRO A 244 -7.62 7.82 -14.40
C PRO A 244 -7.12 9.03 -15.17
N THR A 245 -5.87 9.41 -14.88
CA THR A 245 -5.24 10.62 -15.39
C THR A 245 -3.81 10.22 -15.75
N PRO A 246 -3.35 10.50 -16.96
CA PRO A 246 -1.95 10.17 -17.30
C PRO A 246 -0.96 10.99 -16.47
N GLY A 247 0.19 10.39 -16.18
CA GLY A 247 1.30 11.17 -15.67
C GLY A 247 1.20 11.57 -14.22
N VAL A 248 0.47 10.80 -13.39
CA VAL A 248 0.37 11.08 -11.97
C VAL A 248 0.33 9.76 -11.19
N TRP A 249 0.66 9.87 -9.91
CA TRP A 249 0.34 8.91 -8.88
C TRP A 249 -0.63 9.58 -7.91
N THR A 250 -1.45 8.80 -7.25
CA THR A 250 -2.27 9.35 -6.18
C THR A 250 -1.61 9.07 -4.83
N VAL A 251 -1.93 9.92 -3.86
CA VAL A 251 -1.34 9.80 -2.53
C VAL A 251 -2.42 10.07 -1.49
N PHE A 252 -2.56 9.18 -0.52
CA PHE A 252 -3.42 9.45 0.63
C PHE A 252 -2.80 8.94 1.91
N PRO A 253 -3.20 9.50 3.06
CA PRO A 253 -2.66 9.04 4.35
C PRO A 253 -3.19 7.67 4.69
N GLY A 254 -2.35 6.89 5.39
CA GLY A 254 -2.74 5.64 5.97
C GLY A 254 -2.94 5.72 7.49
N ASP A 255 -3.25 4.56 8.08
CA ASP A 255 -3.67 4.52 9.47
C ASP A 255 -2.58 5.05 10.40
N ILE A 256 -1.32 4.80 10.06
CA ILE A 256 -0.24 5.20 10.95
C ILE A 256 -0.12 6.72 11.01
N LEU A 257 -0.28 7.40 9.87
CA LEU A 257 -0.25 8.86 9.89
C LEU A 257 -1.44 9.43 10.64
N GLN A 258 -2.61 8.79 10.54
CA GLN A 258 -3.75 9.24 11.35
C GLN A 258 -3.41 9.17 12.84
N PHE A 259 -2.84 8.04 13.28
CA PHE A 259 -2.44 7.91 14.67
C PHE A 259 -1.42 8.98 15.06
N MET A 260 -0.36 9.12 14.27
CA MET A 260 0.72 10.01 14.67
C MET A 260 0.28 11.46 14.69
N THR A 261 -0.64 11.84 13.80
CA THR A 261 -1.12 13.22 13.76
C THR A 261 -2.33 13.47 14.65
N GLY A 262 -2.73 12.48 15.45
CA GLY A 262 -3.87 12.70 16.33
C GLY A 262 -5.14 13.01 15.56
N GLY A 263 -5.28 12.43 14.38
CA GLY A 263 -6.45 12.65 13.57
C GLY A 263 -6.47 13.93 12.78
N GLN A 264 -5.39 14.72 12.81
CA GLN A 264 -5.36 15.90 11.95
C GLN A 264 -5.30 15.51 10.48
N LEU A 265 -4.71 14.36 10.18
CA LEU A 265 -4.89 13.66 8.92
C LEU A 265 -5.68 12.39 9.21
N LEU A 266 -6.57 12.03 8.29
CA LEU A 266 -7.36 10.81 8.42
C LEU A 266 -6.90 9.80 7.37
N SER A 267 -6.85 8.53 7.76
CA SER A 267 -6.59 7.46 6.81
C SER A 267 -7.75 7.38 5.84
N THR A 268 -7.48 7.48 4.55
CA THR A 268 -8.58 7.66 3.60
C THR A 268 -9.27 6.35 3.29
N PRO A 269 -10.57 6.22 3.56
CA PRO A 269 -11.28 5.01 3.15
C PRO A 269 -11.36 4.96 1.64
N HIS A 270 -11.31 3.74 1.10
CA HIS A 270 -11.34 3.57 -0.35
C HIS A 270 -11.89 2.19 -0.67
N LYS A 271 -12.31 2.03 -1.93
CA LYS A 271 -12.94 0.80 -2.41
C LYS A 271 -12.72 0.74 -3.91
N VAL A 272 -12.86 -0.47 -4.46
CA VAL A 272 -12.67 -0.69 -5.89
C VAL A 272 -13.90 -1.38 -6.44
N LYS A 273 -14.48 -0.78 -7.48
CA LYS A 273 -15.56 -1.39 -8.22
C LYS A 273 -15.01 -2.00 -9.50
N LEU A 274 -15.57 -3.14 -9.91
CA LEU A 274 -15.18 -3.77 -11.15
C LEU A 274 -15.82 -3.07 -12.33
N ASN A 275 -15.08 -2.96 -13.42
CA ASN A 275 -15.54 -2.29 -14.62
C ASN A 275 -15.85 -3.32 -15.71
N THR A 276 -16.15 -2.84 -16.91
CA THR A 276 -16.48 -3.74 -18.02
C THR A 276 -15.24 -4.38 -18.63
N ARG A 277 -14.05 -3.91 -18.28
CA ARG A 277 -12.79 -4.46 -18.72
C ARG A 277 -11.94 -4.72 -17.50
N GLU A 278 -10.98 -5.64 -17.65
CA GLU A 278 -10.01 -5.88 -16.60
C GLU A 278 -9.25 -4.59 -16.32
N ARG A 279 -8.79 -4.44 -15.07
CA ARG A 279 -8.15 -3.23 -14.61
C ARG A 279 -6.88 -3.61 -13.86
N PHE A 280 -5.80 -2.92 -14.18
CA PHE A 280 -4.52 -3.08 -13.49
C PHE A 280 -4.19 -1.86 -12.65
N ALA A 281 -3.65 -2.10 -11.45
CA ALA A 281 -3.28 -1.03 -10.54
C ALA A 281 -2.16 -1.54 -9.64
N CYS A 282 -1.46 -0.60 -9.01
CA CYS A 282 -0.46 -0.91 -8.00
C CYS A 282 -0.71 0.02 -6.82
N ALA A 283 -0.68 -0.53 -5.61
CA ALA A 283 -0.82 0.24 -4.39
C ALA A 283 0.41 0.01 -3.53
N TYR A 284 1.13 1.10 -3.26
CA TYR A 284 2.39 1.08 -2.53
C TYR A 284 2.18 1.67 -1.14
N PHE A 285 2.70 0.97 -0.13
CA PHE A 285 2.53 1.32 1.28
C PHE A 285 3.89 1.70 1.86
N HIS A 286 4.03 2.97 2.22
CA HIS A 286 5.25 3.47 2.82
C HIS A 286 5.13 3.32 4.33
N GLU A 287 6.10 2.63 4.94
CA GLU A 287 5.97 2.10 6.28
C GLU A 287 7.13 2.43 7.19
N PRO A 288 6.90 2.40 8.50
CA PRO A 288 8.01 2.33 9.46
C PRO A 288 8.81 1.04 9.29
N ASN A 289 10.03 1.08 9.84
CA ASN A 289 10.79 -0.13 10.06
C ASN A 289 9.94 -1.15 10.82
N PHE A 290 10.11 -2.42 10.47
CA PHE A 290 9.36 -3.49 11.10
C PHE A 290 9.47 -3.47 12.62
N GLU A 291 10.61 -3.04 13.15
CA GLU A 291 10.86 -3.02 14.58
C GLU A 291 10.47 -1.71 15.24
N ALA A 292 10.05 -0.71 14.48
CA ALA A 292 9.81 0.62 15.03
C ALA A 292 8.40 0.74 15.57
N SER A 293 8.25 1.65 16.52
CA SER A 293 6.95 1.99 17.08
C SER A 293 6.63 3.43 16.72
N ALA A 294 5.45 3.65 16.18
CA ALA A 294 5.01 5.01 15.90
C ALA A 294 4.44 5.64 17.16
N TYR A 295 4.47 6.97 17.21
CA TYR A 295 4.18 7.72 18.42
C TYR A 295 3.44 8.98 18.07
N PRO A 296 2.68 9.55 19.00
CA PRO A 296 2.00 10.82 18.74
C PRO A 296 2.99 11.96 18.54
N LEU A 297 2.81 12.69 17.45
CA LEU A 297 3.69 13.81 17.14
C LEU A 297 3.39 15.06 17.93
N PHE A 298 2.13 15.25 18.35
CA PHE A 298 1.69 16.51 18.93
C PHE A 298 1.36 16.39 20.41
N GLU A 299 1.56 15.20 20.99
CA GLU A 299 1.24 14.91 22.40
C GLU A 299 2.51 14.34 23.00
N PRO A 300 3.50 15.19 23.28
CA PRO A 300 4.81 14.67 23.74
C PRO A 300 4.76 13.88 25.03
N SER A 301 3.77 14.15 25.89
CA SER A 301 3.59 13.43 27.14
C SER A 301 2.98 12.04 26.95
N ALA A 302 2.53 11.70 25.74
CA ALA A 302 1.80 10.46 25.54
C ALA A 302 2.76 9.28 25.48
N ASN A 303 2.43 8.22 26.21
CA ASN A 303 3.20 6.99 26.19
C ASN A 303 2.65 5.96 25.21
N GLU A 304 1.53 6.24 24.56
CA GLU A 304 0.96 5.25 23.66
C GLU A 304 1.78 5.12 22.39
N ARG A 305 1.91 3.88 21.92
CA ARG A 305 2.68 3.58 20.72
C ARG A 305 1.91 2.55 19.92
N ILE A 306 2.24 2.44 18.63
CA ILE A 306 1.77 1.33 17.81
C ILE A 306 2.96 0.67 17.13
N HIS A 307 3.07 -0.66 17.27
CA HIS A 307 4.22 -1.39 16.77
C HIS A 307 3.91 -1.91 15.36
N ALA A 308 4.70 -1.48 14.39
CA ALA A 308 4.41 -1.76 13.00
C ALA A 308 4.48 -3.26 12.69
N GLY A 309 5.60 -3.89 13.03
CA GLY A 309 5.78 -5.30 12.70
C GLY A 309 4.70 -6.19 13.27
N GLU A 310 4.29 -5.94 14.52
CA GLU A 310 3.23 -6.73 15.12
C GLU A 310 1.95 -6.63 14.31
N HIS A 311 1.60 -5.41 13.89
CA HIS A 311 0.36 -5.23 13.15
C HIS A 311 0.45 -5.82 11.76
N PHE A 312 1.57 -5.63 11.06
CA PHE A 312 1.72 -6.23 9.73
C PHE A 312 1.51 -7.74 9.81
N THR A 313 2.17 -8.38 10.77
CA THR A 313 2.11 -9.83 10.86
C THR A 313 0.69 -10.32 11.11
N ASN A 314 0.00 -9.69 12.07
CA ASN A 314 -1.37 -10.09 12.37
C ASN A 314 -2.29 -9.86 11.18
N MET A 315 -2.12 -8.74 10.47
CA MET A 315 -2.99 -8.45 9.33
C MET A 315 -2.83 -9.50 8.25
N PHE A 316 -1.58 -9.83 7.91
CA PHE A 316 -1.35 -10.82 6.85
C PHE A 316 -1.83 -12.21 7.29
N MET A 317 -1.62 -12.56 8.56
CA MET A 317 -2.10 -13.85 9.05
C MET A 317 -3.62 -13.94 8.96
N ARG A 318 -4.31 -12.84 9.22
CA ARG A 318 -5.76 -12.88 9.20
C ARG A 318 -6.31 -12.87 7.78
N CYS A 319 -5.66 -12.16 6.87
N CYS A 319 -5.65 -12.15 6.87
CA CYS A 319 -6.16 -12.06 5.51
CA CYS A 319 -6.12 -12.02 5.50
C CYS A 319 -5.82 -13.28 4.68
C CYS A 319 -5.84 -13.29 4.70
N TYR A 320 -4.77 -14.00 5.03
CA TYR A 320 -4.33 -15.20 4.30
C TYR A 320 -4.14 -16.34 5.31
N PRO A 321 -5.22 -16.76 5.99
CA PRO A 321 -5.07 -17.72 7.09
C PRO A 321 -4.60 -19.10 6.67
N ASP A 322 -4.83 -19.51 5.43
CA ASP A 322 -4.45 -20.84 4.96
C ASP A 322 -3.16 -20.85 4.16
N ARG A 323 -2.53 -19.70 3.96
CA ARG A 323 -1.29 -19.66 3.20
C ARG A 323 -0.18 -20.39 3.94
N ILE A 324 0.73 -21.01 3.18
CA ILE A 324 1.83 -21.73 3.82
C ILE A 324 2.61 -20.80 4.74
N THR A 325 2.66 -19.50 4.43
CA THR A 325 3.36 -18.54 5.27
C THR A 325 2.76 -18.52 6.67
N THR A 326 1.43 -18.49 6.75
CA THR A 326 0.74 -18.46 8.04
C THR A 326 0.92 -19.78 8.76
N GLN A 327 0.81 -20.89 8.02
CA GLN A 327 1.01 -22.19 8.63
C GLN A 327 2.38 -22.29 9.30
N ARG A 328 3.41 -21.75 8.63
CA ARG A 328 4.75 -21.83 9.20
C ARG A 328 4.91 -20.91 10.40
N ILE A 329 4.30 -19.72 10.36
CA ILE A 329 4.31 -18.86 11.55
C ILE A 329 3.71 -19.60 12.74
N ASN A 330 2.57 -20.27 12.52
CA ASN A 330 1.94 -21.02 13.60
C ASN A 330 2.79 -22.21 14.03
N LYS A 331 3.30 -22.97 13.06
CA LYS A 331 4.09 -24.16 13.37
C LYS A 331 5.29 -23.83 14.24
N GLU A 332 5.96 -22.71 13.95
CA GLU A 332 7.20 -22.33 14.63
C GLU A 332 6.99 -21.25 15.69
N ASN A 333 5.75 -20.83 15.92
CA ASN A 333 5.46 -19.82 16.94
C ASN A 333 6.25 -18.54 16.68
N ARG A 334 6.25 -18.09 15.43
CA ARG A 334 7.10 -16.97 15.03
C ARG A 334 6.65 -15.64 15.62
N LEU A 335 5.40 -15.53 16.08
CA LEU A 335 4.96 -14.28 16.70
C LEU A 335 5.79 -13.92 17.93
N ALA A 336 6.55 -14.86 18.49
CA ALA A 336 7.30 -14.58 19.71
C ALA A 336 8.48 -13.65 19.49
N HIS A 337 8.98 -13.52 18.27
CA HIS A 337 10.07 -12.58 18.00
C HIS A 337 9.58 -11.16 18.22
#